data_6AO4
#
_entry.id   6AO4
#
_cell.length_a   47.750
_cell.length_b   108.540
_cell.length_c   45.910
_cell.angle_alpha   90.00
_cell.angle_beta   90.00
_cell.angle_gamma   90.00
#
_symmetry.space_group_name_H-M   'P 21 21 2'
#
_entity_poly.entity_id   1
_entity_poly.type   'polypeptide(L)'
_entity_poly.pdbx_seq_one_letter_code
;SVPAEGAFTEDFQGLRAEVETISKELELLDRELCQLLLEGLEGVLRDQLALRALEEALEQGQSLGPVEPLDGPAGAVLEC
LVLSSGMLVPELAIPVVYLLGALTMLSETQHKLLAEALESQTLLGPLELVGSLLEQSAPWQERSTMSLPPGLLGNSWGEG
APAWVLLDECGLELGEDTPHVCWEPQAQGRMCALYASLALLSGLSQEPH
;
_entity_poly.pdbx_strand_id   A
#
# COMPACT_ATOMS: atom_id res chain seq x y z
N THR A 9 -7.97 -7.60 -17.10
CA THR A 9 -8.70 -8.79 -16.68
C THR A 9 -8.81 -8.80 -15.15
N GLU A 10 -9.62 -7.90 -14.62
CA GLU A 10 -9.96 -7.88 -13.21
C GLU A 10 -11.00 -6.80 -12.95
N ASP A 11 -11.82 -7.06 -11.93
CA ASP A 11 -13.03 -6.28 -11.67
C ASP A 11 -13.00 -5.40 -10.42
N PHE A 12 -11.92 -5.43 -9.64
CA PHE A 12 -11.78 -4.74 -8.34
C PHE A 12 -12.53 -5.41 -7.20
N GLN A 13 -13.59 -6.16 -7.48
CA GLN A 13 -14.15 -6.97 -6.41
C GLN A 13 -13.21 -8.12 -6.12
N GLY A 14 -12.63 -8.69 -7.18
CA GLY A 14 -11.54 -9.65 -7.00
C GLY A 14 -10.36 -9.03 -6.27
N LEU A 15 -9.91 -7.86 -6.72
CA LEU A 15 -8.80 -7.19 -6.04
C LEU A 15 -9.12 -6.98 -4.57
N ARG A 16 -10.22 -6.27 -4.28
CA ARG A 16 -10.61 -6.00 -2.89
C ARG A 16 -10.76 -7.28 -2.09
N ALA A 17 -11.42 -8.30 -2.65
CA ALA A 17 -11.54 -9.56 -1.94
C ALA A 17 -10.19 -10.23 -1.76
N GLU A 18 -9.35 -10.21 -2.82
CA GLU A 18 -8.01 -10.77 -2.75
C GLU A 18 -7.19 -10.11 -1.66
N VAL A 19 -7.21 -8.78 -1.63
CA VAL A 19 -6.50 -8.02 -0.61
C VAL A 19 -7.17 -8.17 0.75
N GLU A 20 -8.50 -8.31 0.78
CA GLU A 20 -9.21 -8.45 2.05
C GLU A 20 -8.79 -9.72 2.78
N THR A 21 -8.68 -10.83 2.07
CA THR A 21 -8.35 -12.10 2.72
C THR A 21 -6.94 -12.06 3.29
N ILE A 22 -6.00 -11.47 2.56
CA ILE A 22 -4.65 -11.30 3.09
C ILE A 22 -4.67 -10.37 4.30
N SER A 23 -5.49 -9.33 4.25
CA SER A 23 -5.60 -8.42 5.39
C SER A 23 -5.98 -9.17 6.67
N LYS A 24 -6.86 -10.17 6.56
CA LYS A 24 -7.24 -10.98 7.70
C LYS A 24 -6.10 -11.89 8.14
N GLU A 25 -5.26 -12.34 7.21
CA GLU A 25 -4.17 -13.26 7.52
C GLU A 25 -3.12 -12.63 8.42
N LEU A 26 -3.07 -11.31 8.53
CA LEU A 26 -2.20 -10.62 9.48
C LEU A 26 -2.93 -10.23 10.75
N GLU A 27 -4.23 -10.49 10.84
CA GLU A 27 -4.96 -10.26 12.08
C GLU A 27 -4.47 -11.15 13.21
N LEU A 28 -3.67 -12.18 12.91
CA LEU A 28 -3.02 -12.95 13.94
C LEU A 28 -2.29 -12.04 14.92
N LEU A 29 -1.44 -11.15 14.38
CA LEU A 29 -0.61 -10.28 15.21
C LEU A 29 -1.47 -9.51 16.21
N ASP A 30 -1.09 -9.63 17.48
CA ASP A 30 -1.99 -9.27 18.56
C ASP A 30 -2.00 -7.78 18.80
N ARG A 31 -0.97 -7.30 19.47
CA ARG A 31 -0.93 -5.91 19.86
C ARG A 31 0.45 -5.34 19.53
N GLU A 32 1.47 -5.80 20.23
CA GLU A 32 2.83 -5.30 19.96
C GLU A 32 3.27 -5.72 18.56
N LEU A 33 3.13 -7.01 18.24
CA LEU A 33 3.40 -7.46 16.88
C LEU A 33 2.61 -6.64 15.87
N CYS A 34 1.42 -6.17 16.23
CA CYS A 34 0.64 -5.39 15.29
C CYS A 34 1.17 -3.97 15.16
N GLN A 35 1.49 -3.32 16.28
CA GLN A 35 2.01 -1.95 16.24
C GLN A 35 3.53 -1.89 16.12
N LEU A 36 4.25 -2.97 16.39
CA LEU A 36 5.69 -2.98 16.11
C LEU A 36 5.96 -3.26 14.64
N LEU A 37 5.11 -4.07 14.00
CA LEU A 37 5.22 -4.33 12.58
C LEU A 37 5.16 -3.04 11.77
N LEU A 38 3.97 -2.43 11.70
CA LEU A 38 3.78 -1.23 10.91
C LEU A 38 4.72 -0.11 11.35
N GLU A 39 5.24 -0.18 12.57
CA GLU A 39 6.37 0.67 12.92
C GLU A 39 7.57 0.37 12.01
N GLY A 40 7.98 -0.90 11.95
CA GLY A 40 9.17 -1.26 11.18
C GLY A 40 8.98 -1.26 9.68
N LEU A 41 7.74 -1.49 9.22
CA LEU A 41 7.42 -1.21 7.83
C LEU A 41 7.71 0.24 7.49
N GLU A 42 7.21 1.16 8.33
CA GLU A 42 7.36 2.59 8.12
C GLU A 42 8.81 2.98 7.93
N GLY A 43 9.75 2.17 8.44
CA GLY A 43 11.15 2.43 8.17
C GLY A 43 11.53 2.16 6.72
N VAL A 44 11.19 0.98 6.21
CA VAL A 44 11.67 0.58 4.88
C VAL A 44 11.04 1.40 3.76
N LEU A 45 9.99 2.17 4.04
CA LEU A 45 9.39 3.01 3.00
C LEU A 45 10.21 4.26 2.75
N ARG A 46 10.76 4.85 3.81
CA ARG A 46 11.63 6.01 3.70
C ARG A 46 13.10 5.63 3.61
N ASP A 47 13.41 4.34 3.67
CA ASP A 47 14.79 3.85 3.68
C ASP A 47 14.88 2.64 2.77
N GLN A 48 15.77 2.71 1.78
CA GLN A 48 15.96 1.56 0.90
C GLN A 48 16.79 0.46 1.56
N LEU A 49 17.74 0.84 2.42
CA LEU A 49 18.56 -0.15 3.14
C LEU A 49 17.68 -1.23 3.74
N ALA A 50 16.54 -0.84 4.28
CA ALA A 50 15.62 -1.81 4.86
C ALA A 50 14.73 -2.45 3.80
N LEU A 51 14.27 -1.67 2.81
CA LEU A 51 13.40 -2.23 1.78
C LEU A 51 14.11 -3.37 1.07
N ARG A 52 15.34 -3.15 0.65
CA ARG A 52 16.10 -4.18 -0.03
C ARG A 52 16.74 -5.21 0.92
N ALA A 53 16.94 -4.87 2.19
CA ALA A 53 17.35 -5.89 3.15
C ALA A 53 16.20 -6.78 3.60
N LEU A 54 14.98 -6.25 3.60
CA LEU A 54 13.82 -7.08 3.94
C LEU A 54 13.43 -7.98 2.77
N GLU A 55 13.39 -7.42 1.57
CA GLU A 55 13.06 -8.18 0.36
C GLU A 55 14.01 -9.36 0.17
N GLU A 56 15.28 -9.18 0.51
CA GLU A 56 16.24 -10.28 0.43
C GLU A 56 16.36 -11.06 1.73
N ALA A 57 15.72 -10.60 2.81
CA ALA A 57 15.65 -11.43 4.01
C ALA A 57 14.85 -12.69 3.74
N LEU A 58 13.86 -12.58 2.86
CA LEU A 58 12.97 -13.69 2.53
C LEU A 58 13.37 -14.21 1.15
N GLU A 59 14.03 -15.37 1.16
CA GLU A 59 14.48 -16.19 0.01
C GLU A 59 15.83 -16.82 0.38
N PRO A 66 15.12 -20.12 6.53
CA PRO A 66 15.82 -20.10 7.82
C PRO A 66 16.50 -18.75 8.14
N VAL A 67 15.72 -17.72 8.51
CA VAL A 67 16.26 -16.36 8.66
C VAL A 67 17.18 -16.28 9.87
N GLU A 68 17.97 -15.21 9.91
CA GLU A 68 18.80 -14.92 11.08
C GLU A 68 18.46 -13.52 11.59
N PRO A 69 19.02 -13.10 12.74
CA PRO A 69 18.67 -11.77 13.27
C PRO A 69 19.14 -10.62 12.38
N LEU A 70 18.33 -9.58 12.31
CA LEU A 70 18.62 -8.37 11.54
C LEU A 70 18.36 -7.15 12.42
N ASP A 71 19.20 -6.12 12.27
CA ASP A 71 19.04 -4.89 13.02
C ASP A 71 18.09 -3.95 12.30
N GLY A 72 17.83 -2.80 12.92
CA GLY A 72 17.10 -1.73 12.28
C GLY A 72 15.69 -2.07 11.85
N PRO A 73 15.18 -1.29 10.89
CA PRO A 73 13.75 -1.40 10.52
C PRO A 73 13.35 -2.75 9.95
N ALA A 74 14.16 -3.30 9.03
CA ALA A 74 13.80 -4.59 8.44
C ALA A 74 13.82 -5.70 9.48
N GLY A 75 14.63 -5.54 10.54
CA GLY A 75 14.60 -6.50 11.63
C GLY A 75 13.29 -6.43 12.40
N ALA A 76 12.74 -5.23 12.53
CA ALA A 76 11.48 -5.06 13.24
C ALA A 76 10.34 -5.82 12.59
N VAL A 77 10.38 -6.02 11.26
CA VAL A 77 9.34 -6.80 10.62
C VAL A 77 9.62 -8.29 10.69
N LEU A 78 10.87 -8.71 10.91
CA LEU A 78 11.11 -10.15 10.97
C LEU A 78 10.70 -10.74 12.31
N GLU A 79 10.77 -9.95 13.39
CA GLU A 79 10.41 -10.47 14.72
C GLU A 79 8.93 -10.85 14.82
N CYS A 80 8.07 -10.33 13.95
CA CYS A 80 6.68 -10.78 13.95
C CYS A 80 6.47 -12.08 13.18
N LEU A 81 7.35 -12.43 12.25
CA LEU A 81 7.12 -13.53 11.34
C LEU A 81 7.79 -14.84 11.75
N VAL A 82 8.57 -14.83 12.82
CA VAL A 82 9.53 -15.89 13.06
C VAL A 82 9.28 -16.55 14.42
N LEU A 83 9.58 -17.84 14.48
CA LEU A 83 9.57 -18.60 15.72
C LEU A 83 10.97 -18.53 16.33
N SER A 84 11.24 -19.36 17.35
CA SER A 84 12.49 -19.24 18.10
C SER A 84 13.72 -19.73 17.32
N SER A 85 13.52 -20.44 16.21
CA SER A 85 14.57 -20.66 15.24
C SER A 85 14.46 -19.58 14.16
N GLY A 86 15.18 -19.73 13.06
CA GLY A 86 14.97 -18.72 12.02
C GLY A 86 13.66 -18.83 11.26
N MET A 87 12.77 -19.73 11.66
CA MET A 87 11.68 -20.13 10.78
C MET A 87 10.63 -19.04 10.62
N LEU A 88 10.37 -18.66 9.38
CA LEU A 88 9.24 -17.79 9.10
C LEU A 88 7.96 -18.60 9.06
N VAL A 89 6.89 -18.03 9.60
CA VAL A 89 5.58 -18.66 9.56
C VAL A 89 4.97 -18.35 8.20
N PRO A 90 4.62 -19.37 7.40
CA PRO A 90 4.18 -19.09 6.03
C PRO A 90 2.96 -18.20 5.93
N GLU A 91 1.90 -18.49 6.71
CA GLU A 91 0.69 -17.67 6.63
C GLU A 91 0.93 -16.24 7.10
N LEU A 92 2.05 -15.97 7.75
CA LEU A 92 2.44 -14.61 8.12
C LEU A 92 3.36 -14.01 7.06
N ALA A 93 4.49 -14.69 6.80
CA ALA A 93 5.49 -14.22 5.87
C ALA A 93 4.92 -13.91 4.48
N ILE A 94 3.99 -14.73 3.99
CA ILE A 94 3.47 -14.49 2.64
C ILE A 94 2.65 -13.19 2.56
N PRO A 95 1.74 -12.90 3.50
CA PRO A 95 1.06 -11.61 3.44
C PRO A 95 2.00 -10.41 3.30
N VAL A 96 3.20 -10.48 3.88
CA VAL A 96 4.12 -9.37 3.76
C VAL A 96 4.83 -9.36 2.41
N VAL A 97 5.16 -10.54 1.89
CA VAL A 97 5.75 -10.65 0.55
C VAL A 97 4.79 -10.09 -0.48
N TYR A 98 3.49 -10.36 -0.30
CA TYR A 98 2.47 -9.73 -1.14
C TYR A 98 2.53 -8.22 -1.03
N LEU A 99 2.90 -7.70 0.13
CA LEU A 99 2.95 -6.26 0.31
C LEU A 99 4.19 -5.65 -0.34
N LEU A 100 5.37 -6.20 -0.07
CA LEU A 100 6.60 -5.63 -0.61
C LEU A 100 6.59 -5.63 -2.14
N GLY A 101 5.94 -6.63 -2.74
CA GLY A 101 5.72 -6.59 -4.18
C GLY A 101 4.90 -5.38 -4.60
N ALA A 102 3.76 -5.15 -3.93
CA ALA A 102 3.00 -3.94 -4.22
C ALA A 102 3.85 -2.68 -4.12
N LEU A 103 4.85 -2.69 -3.22
CA LEU A 103 5.75 -1.55 -3.13
C LEU A 103 6.74 -1.50 -4.31
N THR A 104 7.23 -2.67 -4.78
CA THR A 104 8.16 -2.71 -5.92
C THR A 104 7.61 -1.91 -7.10
N MET A 105 6.28 -1.85 -7.22
CA MET A 105 5.60 -1.18 -8.32
C MET A 105 5.59 0.32 -8.17
N LEU A 106 5.59 0.80 -6.94
CA LEU A 106 5.40 2.20 -6.64
C LEU A 106 6.71 2.97 -6.79
N SER A 107 6.56 4.27 -7.03
CA SER A 107 7.70 5.16 -7.04
C SER A 107 8.21 5.35 -5.62
N GLU A 108 9.46 5.79 -5.53
CA GLU A 108 10.03 6.13 -4.23
C GLU A 108 9.35 7.34 -3.61
N THR A 109 8.79 8.22 -4.44
CA THR A 109 7.96 9.32 -3.92
C THR A 109 6.70 8.78 -3.27
N GLN A 110 5.92 7.98 -4.01
CA GLN A 110 4.82 7.25 -3.40
C GLN A 110 5.26 6.49 -2.16
N HIS A 111 6.50 6.01 -2.13
CA HIS A 111 6.98 5.31 -0.93
C HIS A 111 7.03 6.26 0.25
N LYS A 112 7.71 7.40 0.10
CA LYS A 112 7.82 8.32 1.23
C LYS A 112 6.46 8.80 1.70
N LEU A 113 5.50 8.93 0.78
CA LEU A 113 4.15 9.38 1.16
C LEU A 113 3.44 8.36 2.04
N LEU A 114 3.43 7.08 1.61
CA LEU A 114 2.86 6.01 2.42
C LEU A 114 3.40 6.08 3.85
N ALA A 115 4.72 6.11 3.97
CA ALA A 115 5.35 6.33 5.27
C ALA A 115 4.75 7.52 5.98
N GLU A 116 4.56 8.61 5.25
CA GLU A 116 4.10 9.84 5.89
C GLU A 116 2.61 9.73 6.27
N ALA A 117 1.80 9.09 5.43
CA ALA A 117 0.42 8.83 5.83
C ALA A 117 0.34 7.85 7.01
N LEU A 118 1.37 7.01 7.20
CA LEU A 118 1.29 5.97 8.21
C LEU A 118 1.29 6.55 9.61
N GLU A 119 2.22 7.44 9.91
CA GLU A 119 2.34 7.90 11.29
C GLU A 119 1.25 8.89 11.64
N SER A 120 0.24 8.98 10.78
CA SER A 120 -0.99 9.72 10.99
C SER A 120 -2.18 8.80 10.74
N GLN A 121 -3.36 9.26 11.12
CA GLN A 121 -4.60 8.51 10.90
C GLN A 121 -4.93 8.35 9.44
N THR A 122 -4.17 9.00 8.56
CA THR A 122 -4.53 9.29 7.18
C THR A 122 -4.34 8.11 6.25
N LEU A 123 -4.13 6.91 6.76
CA LEU A 123 -4.24 5.73 5.89
C LEU A 123 -5.60 5.65 5.21
N LEU A 124 -6.69 5.68 5.98
CA LEU A 124 -8.01 5.29 5.45
C LEU A 124 -8.53 6.24 4.37
N GLY A 125 -8.26 7.54 4.48
CA GLY A 125 -8.80 8.49 3.56
C GLY A 125 -8.50 8.19 2.10
N PRO A 126 -7.22 8.07 1.77
CA PRO A 126 -6.86 7.78 0.36
C PRO A 126 -7.30 6.41 -0.12
N LEU A 127 -7.23 5.39 0.73
CA LEU A 127 -7.81 4.10 0.37
C LEU A 127 -9.22 4.28 -0.19
N GLU A 128 -10.06 5.06 0.51
CA GLU A 128 -11.41 5.30 0.01
C GLU A 128 -11.39 6.02 -1.35
N LEU A 129 -10.40 6.90 -1.55
CA LEU A 129 -10.26 7.62 -2.82
C LEU A 129 -9.75 6.70 -3.92
N VAL A 130 -8.64 6.01 -3.68
CA VAL A 130 -8.16 5.03 -4.66
C VAL A 130 -9.23 3.99 -4.91
N GLY A 131 -9.89 3.53 -3.85
CA GLY A 131 -10.93 2.51 -3.99
C GLY A 131 -12.04 2.92 -4.94
N SER A 132 -12.47 4.19 -4.90
CA SER A 132 -13.54 4.65 -5.77
C SER A 132 -13.08 4.72 -7.20
N LEU A 133 -11.95 5.39 -7.40
CA LEU A 133 -11.38 5.52 -8.74
C LEU A 133 -11.12 4.16 -9.37
N LEU A 134 -10.72 3.18 -8.56
CA LEU A 134 -10.53 1.83 -9.08
C LEU A 134 -11.87 1.17 -9.41
N GLU A 135 -12.85 1.33 -8.52
CA GLU A 135 -14.17 0.75 -8.75
C GLU A 135 -14.95 1.52 -9.79
N GLN A 136 -14.60 2.79 -10.02
CA GLN A 136 -15.24 3.55 -11.07
C GLN A 136 -14.74 3.15 -12.45
N SER A 137 -13.43 2.95 -12.62
CA SER A 137 -12.89 2.68 -13.95
C SER A 137 -13.41 1.33 -14.40
N ALA A 138 -14.24 1.35 -15.44
CA ALA A 138 -15.05 0.21 -15.81
C ALA A 138 -14.76 -0.25 -17.24
N PRO A 139 -14.12 -1.42 -17.38
CA PRO A 139 -13.22 -2.08 -16.44
C PRO A 139 -11.82 -1.51 -16.58
N TRP A 140 -10.85 -2.23 -16.01
CA TRP A 140 -9.49 -1.76 -15.92
C TRP A 140 -8.78 -1.63 -17.26
N GLN A 141 -9.38 -2.08 -18.36
CA GLN A 141 -8.73 -1.93 -19.67
C GLN A 141 -9.22 -0.69 -20.42
N GLU A 142 -10.51 -0.61 -20.74
CA GLU A 142 -11.01 0.52 -21.52
C GLU A 142 -10.71 1.85 -20.83
N ARG A 143 -10.43 2.89 -21.64
CA ARG A 143 -10.35 4.24 -21.09
C ARG A 143 -11.68 4.60 -20.45
N SER A 144 -11.61 5.18 -19.26
CA SER A 144 -12.82 5.50 -18.53
C SER A 144 -12.79 6.97 -18.13
N THR A 145 -13.99 7.49 -17.84
CA THR A 145 -14.10 8.90 -17.47
C THR A 145 -13.67 9.14 -16.03
N MET A 146 -14.16 8.32 -15.09
CA MET A 146 -13.69 8.31 -13.71
C MET A 146 -13.81 9.65 -12.98
N SER A 147 -15.03 10.05 -12.58
CA SER A 147 -15.24 11.28 -11.81
C SER A 147 -14.81 11.14 -10.35
N LEU A 148 -14.20 12.24 -9.78
CA LEU A 148 -13.50 12.31 -8.49
C LEU A 148 -14.47 12.45 -7.33
N PRO A 149 -14.26 11.72 -6.23
CA PRO A 149 -15.16 11.77 -5.07
C PRO A 149 -14.98 13.06 -4.28
N PRO A 150 -16.06 13.60 -3.70
CA PRO A 150 -16.02 14.97 -3.17
C PRO A 150 -15.14 15.22 -1.95
N GLY A 151 -15.23 14.39 -0.93
CA GLY A 151 -14.58 14.78 0.31
C GLY A 151 -13.18 14.29 0.49
N LEU A 152 -12.72 13.43 -0.39
CA LEU A 152 -11.52 12.64 -0.19
C LEU A 152 -10.25 13.25 -0.78
N LEU A 153 -10.30 14.47 -1.35
CA LEU A 153 -9.17 15.00 -2.10
C LEU A 153 -8.19 15.83 -1.27
N GLY A 154 -8.43 16.04 0.03
CA GLY A 154 -7.44 16.66 0.89
C GLY A 154 -7.71 18.13 1.16
N ASN A 155 -6.89 18.71 2.05
CA ASN A 155 -7.03 20.08 2.51
C ASN A 155 -7.10 21.17 1.44
N SER A 156 -6.04 21.30 0.65
CA SER A 156 -6.04 22.02 -0.61
C SER A 156 -5.52 21.08 -1.71
N TRP A 157 -6.42 20.69 -2.60
CA TRP A 157 -6.12 19.81 -3.72
C TRP A 157 -5.43 20.61 -4.83
N GLY A 158 -4.37 20.02 -5.38
CA GLY A 158 -3.59 20.67 -6.43
C GLY A 158 -2.21 20.03 -6.52
N GLU A 159 -1.28 20.79 -7.10
CA GLU A 159 0.05 20.29 -7.48
C GLU A 159 0.72 19.51 -6.35
N GLY A 160 1.05 20.17 -5.25
CA GLY A 160 1.81 19.47 -4.22
C GLY A 160 1.02 18.46 -3.40
N ALA A 161 -0.30 18.44 -3.55
CA ALA A 161 -1.17 17.74 -2.62
C ALA A 161 -0.83 16.25 -2.52
N PRO A 162 -0.70 15.70 -1.31
CA PRO A 162 -0.26 14.30 -1.18
C PRO A 162 -1.20 13.29 -1.82
N ALA A 163 -2.44 13.66 -2.13
CA ALA A 163 -3.27 12.77 -2.93
C ALA A 163 -2.99 12.92 -4.43
N TRP A 164 -2.44 14.06 -4.86
CA TRP A 164 -2.22 14.29 -6.27
C TRP A 164 -1.07 13.44 -6.79
N VAL A 165 0.07 13.50 -6.11
CA VAL A 165 1.28 12.82 -6.57
C VAL A 165 1.18 11.32 -6.38
N LEU A 166 0.33 10.87 -5.44
CA LEU A 166 -0.05 9.46 -5.38
C LEU A 166 -0.55 8.99 -6.74
N LEU A 167 -1.67 9.55 -7.19
CA LEU A 167 -2.24 9.16 -8.48
C LEU A 167 -1.30 9.55 -9.62
N ASP A 168 -0.68 10.72 -9.52
CA ASP A 168 0.12 11.24 -10.62
C ASP A 168 1.30 10.33 -10.90
N GLU A 169 1.86 9.74 -9.84
CA GLU A 169 2.96 8.82 -9.98
C GLU A 169 2.48 7.41 -10.25
N CYS A 170 1.17 7.21 -10.37
CA CYS A 170 0.58 6.08 -11.07
C CYS A 170 0.32 6.39 -12.54
N GLY A 171 0.76 7.55 -13.01
CA GLY A 171 0.49 7.93 -14.38
C GLY A 171 -0.94 8.35 -14.67
N LEU A 172 -1.47 9.31 -13.92
CA LEU A 172 -2.81 9.83 -14.18
C LEU A 172 -2.75 11.29 -14.57
N GLU A 173 -3.48 11.65 -15.61
CA GLU A 173 -3.52 13.01 -16.09
C GLU A 173 -4.67 13.70 -15.35
N LEU A 174 -4.32 14.69 -14.56
CA LEU A 174 -5.23 15.33 -13.64
C LEU A 174 -5.37 16.81 -13.99
N GLY A 175 -6.43 17.42 -13.49
CA GLY A 175 -6.78 18.79 -13.77
C GLY A 175 -7.42 19.43 -12.56
N GLU A 176 -7.62 20.75 -12.65
CA GLU A 176 -7.73 21.56 -11.46
C GLU A 176 -9.14 21.59 -10.86
N ASP A 177 -10.13 22.07 -11.59
CA ASP A 177 -11.41 22.28 -10.92
C ASP A 177 -12.10 20.93 -10.96
N THR A 178 -11.90 20.16 -9.85
CA THR A 178 -12.53 18.93 -9.38
C THR A 178 -13.15 18.09 -10.49
N PRO A 179 -12.46 17.84 -11.59
CA PRO A 179 -13.15 17.23 -12.73
C PRO A 179 -13.11 15.72 -12.57
N HIS A 180 -13.48 14.98 -13.61
CA HIS A 180 -13.07 13.59 -13.68
C HIS A 180 -11.61 13.52 -14.10
N VAL A 181 -11.08 12.30 -14.18
CA VAL A 181 -9.71 12.05 -14.60
C VAL A 181 -9.73 10.83 -15.50
N CYS A 182 -9.14 10.93 -16.69
CA CYS A 182 -9.21 9.82 -17.63
C CYS A 182 -8.41 8.63 -17.10
N TRP A 183 -9.07 7.49 -17.01
CA TRP A 183 -8.37 6.28 -16.62
C TRP A 183 -7.61 5.73 -17.80
N GLU A 184 -6.28 5.71 -17.70
CA GLU A 184 -5.46 5.01 -18.66
C GLU A 184 -5.09 3.66 -18.06
N PRO A 185 -5.40 2.54 -18.73
CA PRO A 185 -5.19 1.22 -18.09
C PRO A 185 -3.77 0.97 -17.65
N GLN A 186 -2.80 1.71 -18.16
CA GLN A 186 -1.41 1.64 -17.73
C GLN A 186 -1.21 2.02 -16.26
N ALA A 187 -2.22 2.59 -15.60
CA ALA A 187 -2.12 2.87 -14.17
C ALA A 187 -2.51 1.68 -13.32
N GLN A 188 -2.96 0.59 -13.94
CA GLN A 188 -3.61 -0.50 -13.22
C GLN A 188 -2.71 -1.06 -12.13
N GLY A 189 -1.53 -1.55 -12.49
CA GLY A 189 -0.67 -2.16 -11.49
C GLY A 189 -0.18 -1.19 -10.44
N ARG A 190 0.07 0.06 -10.81
CA ARG A 190 0.45 1.04 -9.81
C ARG A 190 -0.72 1.39 -8.93
N MET A 191 -1.91 1.48 -9.52
CA MET A 191 -3.12 1.77 -8.76
C MET A 191 -3.56 0.57 -7.92
N CYS A 192 -3.72 -0.60 -8.55
CA CYS A 192 -3.94 -1.82 -7.78
C CYS A 192 -2.87 -2.01 -6.70
N ALA A 193 -1.64 -1.61 -6.96
CA ALA A 193 -0.64 -1.73 -5.90
C ALA A 193 -0.80 -0.62 -4.86
N LEU A 194 -1.13 0.60 -5.28
CA LEU A 194 -1.35 1.66 -4.30
C LEU A 194 -2.59 1.36 -3.46
N TYR A 195 -3.67 0.93 -4.10
CA TYR A 195 -4.81 0.39 -3.39
C TYR A 195 -4.37 -0.64 -2.38
N ALA A 196 -3.88 -1.77 -2.89
CA ALA A 196 -3.59 -2.92 -2.04
C ALA A 196 -2.65 -2.58 -0.89
N SER A 197 -1.60 -1.79 -1.16
CA SER A 197 -0.68 -1.43 -0.07
C SER A 197 -1.36 -0.50 0.93
N LEU A 198 -2.04 0.54 0.43
CA LEU A 198 -2.85 1.37 1.31
C LEU A 198 -3.72 0.48 2.19
N ALA A 199 -4.35 -0.53 1.58
CA ALA A 199 -5.34 -1.34 2.27
C ALA A 199 -4.74 -2.15 3.41
N LEU A 200 -3.72 -2.95 3.10
CA LEU A 200 -3.09 -3.78 4.13
C LEU A 200 -2.62 -2.94 5.32
N LEU A 201 -2.07 -1.76 5.05
CA LEU A 201 -1.55 -0.91 6.10
C LEU A 201 -2.66 -0.40 7.03
N SER A 202 -3.70 0.15 6.44
CA SER A 202 -4.82 0.61 7.24
C SER A 202 -5.40 -0.52 8.08
N GLY A 203 -5.36 -1.75 7.57
CA GLY A 203 -5.94 -2.86 8.33
C GLY A 203 -5.18 -3.16 9.60
N LEU A 204 -3.86 -2.99 9.57
CA LEU A 204 -3.04 -3.19 10.76
C LEU A 204 -3.14 -2.03 11.70
N SER A 205 -3.31 -0.82 11.16
CA SER A 205 -3.63 0.33 11.99
C SER A 205 -4.83 0.03 12.88
N GLN A 206 -5.88 -0.58 12.33
CA GLN A 206 -7.04 -1.02 13.10
C GLN A 206 -6.66 -1.78 14.36
#